data_9G4L
#
_entry.id   9G4L
#
_cell.length_a   1.00
_cell.length_b   1.00
_cell.length_c   1.00
_cell.angle_alpha   90.00
_cell.angle_beta   90.00
_cell.angle_gamma   90.00
#
_symmetry.space_group_name_H-M   'P 1'
#
_entity_poly.entity_id   1
_entity_poly.type   'polyribonucleotide'
_entity_poly.pdbx_seq_one_letter_code
;GGGUUAUGUGUGCCCGGCAUGGGUGCAGUCUAUAGGGUGAGAGUCCCGAACUGUGAAGGCAGAAGUAACAGUUAGCCUAA
CGCAAGGGUGUCCGUGGCGACAUGGAAUCUGAAGGAAGCGGACGGCAAACCUUCGGUCUGAGGAACACGAACUUCAUAUG
AGGCUAGGUAUCAAUGGAUGAGUUUGCAUAACAAAACAAAGUCCUUUCUGCCAAAGUUGGUACAGAGUAAAUGAAGCAGA
UUGAUGAAGGGAAAGACUGCAUUCUUACCCGGGGAGGUCUGGAAACAGAAGUCAGCAGAAGUCAUAGUACCCUGUUCGCA
GGGGAAGGACGGAA
;
_entity_poly.pdbx_strand_id   A
#
loop_
_chem_comp.id
_chem_comp.type
_chem_comp.name
_chem_comp.formula
A RNA linking ADENOSINE-5'-MONOPHOSPHATE 'C10 H14 N5 O7 P'
C RNA linking CYTIDINE-5'-MONOPHOSPHATE 'C9 H14 N3 O8 P'
G RNA linking GUANOSINE-5'-MONOPHOSPHATE 'C10 H14 N5 O8 P'
U RNA linking URIDINE-5'-MONOPHOSPHATE 'C9 H13 N2 O9 P'
#